data_1YQG
#
_entry.id   1YQG
#
_cell.length_a   89.526
_cell.length_b   49.845
_cell.length_c   65.534
_cell.angle_alpha   90.00
_cell.angle_beta   90.00
_cell.angle_gamma   90.00
#
_symmetry.space_group_name_H-M   'P 21 21 2'
#
loop_
_entity.id
_entity.type
_entity.pdbx_description
1 polymer 'pyrroline-5-carboxylate reductase'
2 non-polymer 'SULFATE ION'
3 water water
#
_entity_poly.entity_id   1
_entity_poly.type   'polypeptide(L)'
_entity_poly.pdbx_seq_one_letter_code
;(MSE)NVYFLGGGN(MSE)AAAVAGGLVKQGGYRIYIANRGAEKRERLEKELGVETSATLPELHSDDVLILAVKPQD
(MSE)EAACKNIRTNGALVLSVAAGLSVGTLSRYLGGTRRIVRV(MSE)PNTPGKIGLGVSG(MSE)YAEAEVSETDRRI
ADRI(MSE)KSVGLTVWLDDEEK(MSE)HGITGISGSGPAYVFYLLDALQNAAIRQGFD(MSE)AEARALSLATFKGAVA
LAEQTGEDFEKLQKNVTSKGGTTHEAVEAFRRHRVAEAISEGVCACVRRSQE(MSE)ERQYQ
;
_entity_poly.pdbx_strand_id   A
#
loop_
_chem_comp.id
_chem_comp.type
_chem_comp.name
_chem_comp.formula
SO4 non-polymer 'SULFATE ION' 'O4 S -2'
#
# COMPACT_ATOMS: atom_id res chain seq x y z
N MSE A 1 -17.84 16.89 1.13
CA MSE A 1 -16.48 16.93 1.81
C MSE A 1 -15.32 16.94 0.78
O MSE A 1 -15.22 16.06 -0.07
CB MSE A 1 -16.32 15.82 2.87
CG MSE A 1 -15.28 16.16 4.00
SE MSE A 1 -14.60 14.72 5.19
CE MSE A 1 -14.10 13.71 3.71
N ASN A 2 -14.48 17.95 0.86
CA ASN A 2 -13.37 18.14 -0.04
C ASN A 2 -12.22 17.23 0.39
N VAL A 3 -11.69 16.52 -0.60
CA VAL A 3 -10.49 15.75 -0.41
C VAL A 3 -9.49 16.26 -1.41
N TYR A 4 -8.52 17.01 -0.88
CA TYR A 4 -7.42 17.54 -1.66
C TYR A 4 -6.25 16.59 -1.63
N PHE A 5 -5.61 16.44 -2.79
CA PHE A 5 -4.36 15.67 -2.89
C PHE A 5 -3.21 16.61 -3.20
N LEU A 6 -2.14 16.52 -2.43
CA LEU A 6 -0.87 17.17 -2.80
C LEU A 6 0.00 16.15 -3.54
N GLY A 7 0.03 16.23 -4.86
CA GLY A 7 0.70 15.22 -5.65
C GLY A 7 -0.37 14.41 -6.37
N GLY A 8 -0.16 14.19 -7.66
CA GLY A 8 -1.13 13.48 -8.52
C GLY A 8 -0.54 12.20 -9.13
N GLY A 9 0.46 11.64 -8.45
CA GLY A 9 1.11 10.38 -8.82
C GLY A 9 0.26 9.10 -8.66
N ASN A 10 0.91 7.94 -8.79
CA ASN A 10 0.17 6.68 -8.91
C ASN A 10 -0.73 6.35 -7.72
N MSE A 11 -0.22 6.54 -6.51
CA MSE A 11 -1.00 6.25 -5.28
C MSE A 11 -2.13 7.25 -5.08
O MSE A 11 -3.22 6.86 -4.66
CB MSE A 11 -0.11 6.22 -4.02
CG MSE A 11 0.66 4.93 -3.80
SE MSE A 11 -0.46 3.24 -3.80
CE MSE A 11 -0.35 2.86 -5.81
N ALA A 12 -1.86 8.52 -5.34
CA ALA A 12 -2.90 9.54 -5.27
C ALA A 12 -4.02 9.20 -6.25
N ALA A 13 -3.66 8.81 -7.47
CA ALA A 13 -4.66 8.47 -8.47
C ALA A 13 -5.48 7.22 -8.09
N ALA A 14 -4.86 6.25 -7.42
CA ALA A 14 -5.57 5.07 -6.96
C ALA A 14 -6.59 5.50 -5.94
N VAL A 15 -6.12 6.24 -4.94
CA VAL A 15 -7.04 6.67 -3.89
C VAL A 15 -8.15 7.56 -4.48
N ALA A 16 -7.78 8.51 -5.36
CA ALA A 16 -8.80 9.37 -6.00
C ALA A 16 -9.84 8.52 -6.73
N GLY A 17 -9.41 7.51 -7.48
CA GLY A 17 -10.33 6.65 -8.26
C GLY A 17 -11.23 5.85 -7.35
N GLY A 18 -10.63 5.41 -6.24
CA GLY A 18 -11.37 4.78 -5.16
C GLY A 18 -12.50 5.65 -4.62
N LEU A 19 -12.18 6.91 -4.34
CA LEU A 19 -13.15 7.85 -3.79
C LEU A 19 -14.26 8.18 -4.77
N VAL A 20 -13.89 8.31 -6.04
CA VAL A 20 -14.89 8.51 -7.12
C VAL A 20 -15.89 7.36 -7.12
N LYS A 21 -15.40 6.14 -7.07
CA LYS A 21 -16.28 5.00 -7.07
C LYS A 21 -17.21 4.96 -5.86
N GLN A 22 -16.67 5.35 -4.69
CA GLN A 22 -17.39 5.33 -3.43
C GLN A 22 -18.51 6.30 -3.48
N GLY A 23 -18.27 7.47 -4.07
CA GLY A 23 -19.30 8.50 -4.21
C GLY A 23 -19.27 9.38 -2.99
N GLY A 24 -19.73 10.61 -3.16
CA GLY A 24 -19.96 11.48 -2.02
C GLY A 24 -18.88 12.45 -1.59
N TYR A 25 -17.72 12.40 -2.23
CA TYR A 25 -16.62 13.33 -1.93
C TYR A 25 -16.41 14.31 -3.07
N ARG A 26 -15.82 15.46 -2.79
CA ARG A 26 -15.37 16.38 -3.83
C ARG A 26 -13.84 16.25 -3.96
N ILE A 27 -13.37 15.68 -5.07
CA ILE A 27 -11.93 15.40 -5.20
C ILE A 27 -11.25 16.54 -5.94
N TYR A 28 -10.09 16.95 -5.46
CA TYR A 28 -9.35 18.05 -6.06
C TYR A 28 -7.86 17.70 -5.94
N ILE A 29 -7.15 17.64 -7.07
CA ILE A 29 -5.74 17.24 -7.08
C ILE A 29 -4.78 18.38 -7.47
N ALA A 30 -3.88 18.73 -6.54
CA ALA A 30 -2.82 19.69 -6.80
C ALA A 30 -1.58 18.93 -7.25
N ASN A 31 -1.06 19.33 -8.39
CA ASN A 31 0.07 18.69 -9.03
C ASN A 31 0.68 19.68 -10.02
N ARG A 32 1.99 19.89 -9.91
CA ARG A 32 2.64 20.99 -10.64
C ARG A 32 2.55 20.79 -12.17
N GLY A 33 3.12 19.70 -12.68
CA GLY A 33 3.15 19.48 -14.13
C GLY A 33 1.79 19.19 -14.72
N ALA A 34 1.49 19.81 -15.86
CA ALA A 34 0.20 19.67 -16.55
C ALA A 34 -0.03 18.26 -17.07
N GLU A 35 1.05 17.65 -17.58
CA GLU A 35 1.00 16.30 -18.10
C GLU A 35 -0.01 15.44 -17.39
N LYS A 36 0.18 15.23 -16.08
CA LYS A 36 -0.70 14.33 -15.36
C LYS A 36 -1.97 14.95 -14.74
N ARG A 37 -2.01 16.28 -14.71
CA ARG A 37 -3.28 16.97 -14.49
C ARG A 37 -4.25 16.67 -15.65
N GLU A 38 -3.74 16.82 -16.88
CA GLU A 38 -4.43 16.38 -18.11
C GLU A 38 -5.00 14.94 -18.02
N ARG A 39 -4.20 13.99 -17.53
CA ARG A 39 -4.60 12.59 -17.48
C ARG A 39 -5.74 12.30 -16.51
N LEU A 40 -5.63 12.86 -15.30
CA LEU A 40 -6.61 12.62 -14.25
C LEU A 40 -7.98 13.19 -14.60
N GLU A 41 -7.98 14.35 -15.28
CA GLU A 41 -9.21 14.98 -15.69
C GLU A 41 -9.92 14.16 -16.79
N LYS A 42 -9.13 13.55 -17.67
CA LYS A 42 -9.64 12.84 -18.85
C LYS A 42 -10.24 11.52 -18.42
N GLU A 43 -9.47 10.85 -17.56
CA GLU A 43 -9.75 9.54 -17.03
C GLU A 43 -10.72 9.46 -15.84
N LEU A 44 -10.53 10.35 -14.86
CA LEU A 44 -11.29 10.28 -13.60
C LEU A 44 -12.31 11.34 -13.53
N GLY A 45 -12.10 12.42 -14.29
CA GLY A 45 -12.99 13.55 -14.36
C GLY A 45 -12.90 14.38 -13.12
N VAL A 46 -11.77 14.28 -12.41
CA VAL A 46 -11.62 15.04 -11.17
C VAL A 46 -11.00 16.39 -11.44
N GLU A 47 -11.30 17.34 -10.56
CA GLU A 47 -10.68 18.65 -10.60
C GLU A 47 -9.20 18.58 -10.26
N THR A 48 -8.41 19.38 -10.96
CA THR A 48 -6.99 19.49 -10.75
C THR A 48 -6.58 20.96 -10.87
N SER A 49 -5.40 21.27 -10.34
CA SER A 49 -4.80 22.60 -10.42
C SER A 49 -3.32 22.47 -10.07
N ALA A 50 -2.53 23.45 -10.49
CA ALA A 50 -1.10 23.44 -10.21
C ALA A 50 -0.79 23.53 -8.70
N THR A 51 -1.68 24.19 -7.95
CA THR A 51 -1.51 24.45 -6.53
C THR A 51 -2.83 24.22 -5.77
N LEU A 52 -2.75 24.19 -4.43
CA LEU A 52 -3.94 24.03 -3.58
C LEU A 52 -4.65 25.34 -3.39
N PRO A 53 -6.00 25.31 -3.34
CA PRO A 53 -6.67 26.53 -2.94
C PRO A 53 -6.61 26.66 -1.42
N GLU A 54 -7.24 27.70 -0.88
CA GLU A 54 -7.31 27.84 0.57
C GLU A 54 -7.99 26.62 1.19
N LEU A 55 -7.38 26.10 2.27
CA LEU A 55 -7.86 24.94 3.01
C LEU A 55 -8.65 25.38 4.24
N HIS A 56 -9.58 24.55 4.70
CA HIS A 56 -10.33 24.82 5.93
C HIS A 56 -10.40 23.55 6.77
N SER A 57 -10.79 23.70 8.03
CA SER A 57 -10.74 22.60 8.99
C SER A 57 -11.73 21.48 8.68
N ASP A 58 -12.71 21.75 7.81
CA ASP A 58 -13.61 20.69 7.34
C ASP A 58 -13.12 19.95 6.08
N ASP A 59 -11.95 20.32 5.59
CA ASP A 59 -11.39 19.64 4.42
C ASP A 59 -10.51 18.45 4.86
N VAL A 60 -10.20 17.58 3.91
CA VAL A 60 -9.15 16.61 4.11
C VAL A 60 -8.04 16.93 3.10
N LEU A 61 -6.80 16.85 3.55
CA LEU A 61 -5.63 16.98 2.71
C LEU A 61 -4.86 15.64 2.70
N ILE A 62 -4.63 15.07 1.53
CA ILE A 62 -3.84 13.83 1.42
C ILE A 62 -2.49 14.13 0.80
N LEU A 63 -1.43 13.95 1.58
CA LEU A 63 -0.04 14.23 1.13
C LEU A 63 0.49 13.05 0.38
N ALA A 64 0.83 13.26 -0.89
CA ALA A 64 1.13 12.12 -1.72
C ALA A 64 2.34 12.38 -2.58
N VAL A 65 3.19 13.31 -2.13
CA VAL A 65 4.44 13.54 -2.84
C VAL A 65 5.52 12.61 -2.30
N LYS A 66 6.51 12.38 -3.15
CA LYS A 66 7.69 11.60 -2.80
C LYS A 66 8.30 12.17 -1.52
N PRO A 67 8.74 11.29 -0.61
CA PRO A 67 9.19 11.69 0.73
C PRO A 67 10.32 12.72 0.77
N GLN A 68 11.29 12.58 -0.13
CA GLN A 68 12.42 13.54 -0.26
C GLN A 68 11.96 14.92 -0.72
N ASP A 69 10.80 14.99 -1.39
CA ASP A 69 10.26 16.28 -1.80
C ASP A 69 9.21 16.88 -0.86
N MSE A 70 8.85 16.15 0.18
CA MSE A 70 7.75 16.55 1.07
C MSE A 70 7.97 17.84 1.88
O MSE A 70 7.10 18.71 1.91
CB MSE A 70 7.40 15.41 2.02
CG MSE A 70 6.21 15.76 2.91
SE MSE A 70 4.52 15.54 1.90
CE MSE A 70 4.50 13.58 1.94
N GLU A 71 9.12 17.94 2.54
CA GLU A 71 9.39 19.14 3.34
C GLU A 71 9.13 20.41 2.53
N ALA A 72 9.68 20.49 1.31
CA ALA A 72 9.55 21.73 0.56
C ALA A 72 8.16 21.89 0.00
N ALA A 73 7.52 20.76 -0.38
CA ALA A 73 6.14 20.76 -0.85
C ALA A 73 5.21 21.35 0.22
N CYS A 74 5.53 21.10 1.49
CA CYS A 74 4.70 21.54 2.61
C CYS A 74 5.11 22.90 3.13
N LYS A 75 6.23 23.42 2.66
CA LYS A 75 6.87 24.62 3.22
C LYS A 75 5.91 25.76 3.53
N ASN A 76 5.00 26.07 2.60
CA ASN A 76 4.10 27.21 2.77
C ASN A 76 2.60 26.89 2.80
N ILE A 77 2.28 25.61 2.89
CA ILE A 77 0.91 25.14 3.03
C ILE A 77 0.35 25.54 4.40
N ARG A 78 -0.80 26.20 4.38
CA ARG A 78 -1.51 26.48 5.62
C ARG A 78 -2.70 25.54 5.63
N THR A 79 -2.66 24.53 6.51
CA THR A 79 -3.74 23.51 6.50
C THR A 79 -5.00 24.08 7.14
N ASN A 80 -4.83 25.14 7.95
CA ASN A 80 -5.94 25.74 8.69
C ASN A 80 -6.77 24.72 9.50
N GLY A 81 -6.08 23.71 10.04
CA GLY A 81 -6.72 22.68 10.85
C GLY A 81 -7.40 21.52 10.10
N ALA A 82 -7.21 21.45 8.78
CA ALA A 82 -7.71 20.32 7.97
C ALA A 82 -7.16 18.98 8.49
N LEU A 83 -7.93 17.92 8.29
CA LEU A 83 -7.44 16.56 8.55
C LEU A 83 -6.39 16.19 7.47
N VAL A 84 -5.23 15.78 7.94
CA VAL A 84 -4.15 15.37 7.01
C VAL A 84 -3.94 13.87 7.04
N LEU A 85 -3.89 13.29 5.85
CA LEU A 85 -3.46 11.91 5.66
C LEU A 85 -2.15 11.97 4.88
N SER A 86 -1.23 11.08 5.20
CA SER A 86 0.00 10.96 4.43
C SER A 86 0.13 9.52 3.97
N VAL A 87 0.39 9.35 2.68
CA VAL A 87 0.75 8.05 2.10
C VAL A 87 2.26 7.90 1.83
N ALA A 88 3.06 8.87 2.28
CA ALA A 88 4.48 8.84 1.98
C ALA A 88 5.23 7.91 2.93
N ALA A 89 6.08 7.04 2.38
CA ALA A 89 7.02 6.23 3.18
C ALA A 89 8.03 7.06 3.96
N GLY A 90 8.41 6.55 5.12
CA GLY A 90 9.55 7.06 5.85
C GLY A 90 9.41 8.40 6.54
N LEU A 91 8.21 9.00 6.52
CA LEU A 91 8.02 10.28 7.20
C LEU A 91 7.06 10.03 8.34
N SER A 92 7.56 10.13 9.56
CA SER A 92 6.81 9.88 10.76
C SER A 92 5.81 11.01 10.98
N VAL A 93 4.79 10.77 11.79
CA VAL A 93 3.82 11.78 12.20
C VAL A 93 4.50 13.02 12.81
N GLY A 94 5.51 12.81 13.65
CA GLY A 94 6.25 13.93 14.20
C GLY A 94 6.94 14.81 13.16
N THR A 95 7.62 14.16 12.23
CA THR A 95 8.24 14.84 11.07
C THR A 95 7.21 15.58 10.20
N LEU A 96 6.11 14.88 9.90
CA LEU A 96 5.01 15.48 9.17
C LEU A 96 4.50 16.73 9.91
N SER A 97 4.28 16.62 11.23
CA SER A 97 3.79 17.74 12.01
C SER A 97 4.73 18.94 11.92
N ARG A 98 6.04 18.68 11.93
CA ARG A 98 7.03 19.73 11.72
C ARG A 98 6.91 20.43 10.37
N TYR A 99 6.79 19.62 9.31
CA TYR A 99 6.78 20.12 7.94
C TYR A 99 5.56 20.97 7.68
N LEU A 100 4.50 20.69 8.42
CA LEU A 100 3.24 21.38 8.26
C LEU A 100 3.05 22.53 9.25
N GLY A 101 4.08 22.83 10.05
CA GLY A 101 4.03 23.95 10.98
C GLY A 101 3.39 23.68 12.34
N GLY A 102 3.18 22.42 12.69
CA GLY A 102 2.83 22.11 14.08
C GLY A 102 1.57 21.32 14.31
N THR A 103 0.66 21.32 13.33
CA THR A 103 -0.56 20.51 13.43
C THR A 103 -0.31 19.02 13.77
N ARG A 104 -1.16 18.49 14.64
CA ARG A 104 -1.11 17.09 15.08
C ARG A 104 -2.27 16.30 14.48
N ARG A 105 -3.09 16.95 13.64
CA ARG A 105 -4.27 16.28 13.05
C ARG A 105 -3.89 15.44 11.82
N ILE A 106 -3.14 14.37 12.09
CA ILE A 106 -2.46 13.62 11.06
C ILE A 106 -2.70 12.13 11.22
N VAL A 107 -3.03 11.47 10.11
CA VAL A 107 -3.11 10.02 10.02
C VAL A 107 -2.14 9.56 8.96
N ARG A 108 -1.27 8.64 9.32
CA ARG A 108 -0.34 8.05 8.38
C ARG A 108 -0.91 6.79 7.77
N VAL A 109 -0.58 6.57 6.50
CA VAL A 109 -1.12 5.48 5.70
C VAL A 109 0.05 4.83 4.99
N MSE A 110 0.06 3.49 4.92
CA MSE A 110 1.07 2.76 4.16
C MSE A 110 0.29 1.82 3.21
O MSE A 110 0.03 0.66 3.57
CB MSE A 110 2.00 1.95 5.10
CG MSE A 110 3.19 1.34 4.41
SE MSE A 110 4.36 2.75 3.67
CE MSE A 110 3.82 2.48 1.67
N PRO A 111 -0.11 2.34 2.05
CA PRO A 111 -0.93 1.61 1.08
C PRO A 111 -0.05 0.77 0.13
N ASN A 112 -0.64 -0.04 -0.73
CA ASN A 112 0.19 -0.86 -1.60
C ASN A 112 -0.43 -0.82 -3.00
N THR A 113 0.30 -1.33 -3.99
CA THR A 113 -0.11 -1.11 -5.38
C THR A 113 -1.40 -1.81 -5.80
N PRO A 114 -1.77 -3.01 -5.22
CA PRO A 114 -3.09 -3.55 -5.59
C PRO A 114 -4.27 -2.68 -5.20
N GLY A 115 -4.04 -1.60 -4.46
CA GLY A 115 -5.14 -0.66 -4.26
C GLY A 115 -5.62 0.00 -5.56
N LYS A 116 -4.73 0.09 -6.54
CA LYS A 116 -5.08 0.54 -7.92
C LYS A 116 -6.27 -0.19 -8.50
N ILE A 117 -6.50 -1.43 -8.04
CA ILE A 117 -7.62 -2.23 -8.54
C ILE A 117 -8.56 -2.64 -7.38
N GLY A 118 -8.48 -1.89 -6.29
CA GLY A 118 -9.49 -2.06 -5.21
C GLY A 118 -9.20 -3.26 -4.34
N LEU A 119 -7.98 -3.81 -4.44
CA LEU A 119 -7.57 -4.96 -3.63
C LEU A 119 -6.33 -4.61 -2.78
N GLY A 120 -6.30 -3.35 -2.31
CA GLY A 120 -5.13 -2.86 -1.55
C GLY A 120 -5.12 -3.35 -0.12
N VAL A 121 -3.97 -3.16 0.50
CA VAL A 121 -3.81 -3.22 1.95
C VAL A 121 -3.18 -1.93 2.41
N SER A 122 -3.82 -1.23 3.33
CA SER A 122 -3.22 0.01 3.84
C SER A 122 -3.04 -0.10 5.37
N GLY A 123 -1.78 -0.03 5.81
CA GLY A 123 -1.51 0.12 7.24
C GLY A 123 -1.92 1.55 7.65
N MSE A 124 -2.46 1.69 8.86
CA MSE A 124 -2.87 3.03 9.36
C MSE A 124 -2.33 3.29 10.73
O MSE A 124 -2.32 2.40 11.58
CB MSE A 124 -4.40 3.14 9.40
CG MSE A 124 -5.08 2.43 8.33
SE MSE A 124 -5.22 3.66 6.80
CE MSE A 124 -6.62 4.89 7.49
N TYR A 125 -1.90 4.54 10.95
CA TYR A 125 -1.42 4.94 12.29
C TYR A 125 -1.78 6.38 12.58
N ALA A 126 -2.29 6.62 13.77
CA ALA A 126 -2.44 7.97 14.30
C ALA A 126 -2.02 8.02 15.76
N GLU A 127 -1.46 9.14 16.19
CA GLU A 127 -1.17 9.33 17.64
C GLU A 127 -2.47 9.35 18.44
N ALA A 128 -2.40 9.03 19.75
CA ALA A 128 -3.60 8.97 20.62
C ALA A 128 -4.45 10.22 20.54
N GLU A 129 -3.79 11.34 20.30
CA GLU A 129 -4.42 12.66 20.28
C GLU A 129 -5.42 12.80 19.11
N VAL A 130 -5.39 11.86 18.18
CA VAL A 130 -6.28 11.96 17.01
C VAL A 130 -7.61 11.28 17.31
N SER A 131 -8.71 12.00 17.13
CA SER A 131 -10.03 11.56 17.58
C SER A 131 -10.55 10.34 16.83
N GLU A 132 -11.51 9.64 17.42
CA GLU A 132 -12.02 8.44 16.79
C GLU A 132 -12.71 8.81 15.50
N THR A 133 -13.38 9.97 15.48
CA THR A 133 -14.09 10.38 14.27
C THR A 133 -13.13 10.68 13.11
N ASP A 134 -12.04 11.37 13.38
CA ASP A 134 -10.96 11.53 12.39
C ASP A 134 -10.38 10.21 11.95
N ARG A 135 -10.15 9.25 12.86
CA ARG A 135 -9.72 7.93 12.41
C ARG A 135 -10.73 7.30 11.43
N ARG A 136 -12.02 7.41 11.75
CA ARG A 136 -13.06 6.78 10.95
C ARG A 136 -13.11 7.44 9.58
N ILE A 137 -12.95 8.78 9.54
CA ILE A 137 -12.99 9.52 8.25
C ILE A 137 -11.81 8.99 7.36
N ALA A 138 -10.62 8.91 7.94
CA ALA A 138 -9.43 8.42 7.23
C ALA A 138 -9.64 6.97 6.87
N ASP A 139 -10.19 6.18 7.81
CA ASP A 139 -10.45 4.77 7.56
C ASP A 139 -11.39 4.56 6.33
N ARG A 140 -12.46 5.33 6.24
CA ARG A 140 -13.37 5.21 5.11
C ARG A 140 -12.70 5.56 3.78
N ILE A 141 -11.89 6.59 3.80
CA ILE A 141 -11.17 7.02 2.59
C ILE A 141 -10.29 5.88 2.12
N MSE A 142 -9.51 5.30 3.02
CA MSE A 142 -8.57 4.21 2.59
C MSE A 142 -9.30 2.89 2.31
O MSE A 142 -8.82 2.09 1.53
CB MSE A 142 -7.41 4.06 3.59
CG MSE A 142 -6.53 5.31 3.72
SE MSE A 142 -5.94 6.03 1.96
CE MSE A 142 -5.22 4.29 1.10
N LYS A 143 -10.47 2.65 2.90
CA LYS A 143 -11.24 1.48 2.52
C LYS A 143 -11.73 1.59 1.07
N SER A 144 -11.70 2.80 0.50
CA SER A 144 -12.13 2.92 -0.89
C SER A 144 -11.24 2.10 -1.86
N VAL A 145 -10.02 1.72 -1.43
CA VAL A 145 -9.10 0.93 -2.26
C VAL A 145 -8.73 -0.43 -1.71
N GLY A 146 -9.29 -0.78 -0.58
CA GLY A 146 -9.04 -2.09 -0.01
C GLY A 146 -9.18 -2.14 1.49
N LEU A 147 -8.38 -3.03 2.08
CA LEU A 147 -8.43 -3.39 3.47
C LEU A 147 -7.64 -2.33 4.24
N THR A 148 -8.10 -1.97 5.45
CA THR A 148 -7.25 -1.18 6.37
C THR A 148 -6.81 -2.00 7.57
N VAL A 149 -5.59 -1.72 8.03
CA VAL A 149 -5.02 -2.35 9.22
C VAL A 149 -4.42 -1.28 10.14
N TRP A 150 -5.16 -0.97 11.21
CA TRP A 150 -4.71 0.00 12.20
C TRP A 150 -3.66 -0.59 13.13
N LEU A 151 -2.66 0.23 13.46
CA LEU A 151 -1.50 -0.14 14.26
C LEU A 151 -1.44 0.67 15.55
N ASP A 152 -0.99 0.03 16.63
CA ASP A 152 -0.79 0.67 17.95
C ASP A 152 0.51 1.43 18.04
N ASP A 153 1.49 0.99 17.27
CA ASP A 153 2.84 1.49 17.39
C ASP A 153 3.25 1.94 16.02
N GLU A 154 3.67 3.20 15.88
CA GLU A 154 4.13 3.71 14.57
C GLU A 154 5.24 2.86 13.93
N GLU A 155 6.12 2.31 14.78
CA GLU A 155 7.18 1.40 14.33
C GLU A 155 6.67 0.24 13.47
N LYS A 156 5.44 -0.19 13.70
CA LYS A 156 4.90 -1.32 12.96
C LYS A 156 4.63 -0.94 11.49
N MSE A 157 4.73 0.34 11.15
CA MSE A 157 4.54 0.76 9.76
C MSE A 157 5.66 0.18 8.88
O MSE A 157 5.48 -0.03 7.68
CB MSE A 157 4.51 2.27 9.67
CG MSE A 157 3.23 2.91 10.22
SE MSE A 157 1.71 2.53 8.97
CE MSE A 157 0.82 4.14 8.97
N HIS A 158 6.81 -0.03 9.49
CA HIS A 158 7.92 -0.72 8.85
C HIS A 158 7.57 -2.19 8.58
N GLY A 159 6.88 -2.83 9.55
CA GLY A 159 6.35 -4.20 9.39
C GLY A 159 5.36 -4.27 8.23
N ILE A 160 4.43 -3.33 8.17
CA ILE A 160 3.50 -3.26 7.02
C ILE A 160 4.25 -3.22 5.71
N THR A 161 5.21 -2.29 5.59
CA THR A 161 6.06 -2.20 4.43
C THR A 161 6.73 -3.57 4.12
N GLY A 162 7.31 -4.23 5.12
CA GLY A 162 7.97 -5.52 4.85
C GLY A 162 7.03 -6.63 4.38
N ILE A 163 5.75 -6.58 4.80
CA ILE A 163 4.76 -7.60 4.44
C ILE A 163 3.88 -7.19 3.25
N SER A 164 2.98 -6.23 3.40
CA SER A 164 2.04 -5.90 2.32
C SER A 164 2.52 -4.81 1.39
N GLY A 165 3.46 -3.96 1.85
CA GLY A 165 3.91 -2.84 1.02
C GLY A 165 4.84 -3.30 -0.09
N SER A 166 5.92 -3.95 0.32
CA SER A 166 6.82 -4.62 -0.60
C SER A 166 6.32 -5.98 -1.09
N GLY A 167 5.32 -6.53 -0.40
CA GLY A 167 4.81 -7.88 -0.63
C GLY A 167 4.39 -8.25 -2.05
N PRO A 168 3.72 -7.33 -2.77
CA PRO A 168 3.42 -7.63 -4.17
C PRO A 168 4.65 -8.00 -5.02
N ALA A 169 5.79 -7.30 -4.85
CA ALA A 169 7.05 -7.68 -5.46
C ALA A 169 7.45 -9.14 -5.15
N TYR A 170 7.29 -9.56 -3.91
CA TYR A 170 7.62 -10.94 -3.56
C TYR A 170 6.75 -11.91 -4.36
N VAL A 171 5.45 -11.64 -4.39
CA VAL A 171 4.50 -12.52 -5.13
C VAL A 171 4.85 -12.58 -6.61
N PHE A 172 5.15 -11.42 -7.24
CA PHE A 172 5.64 -11.43 -8.63
C PHE A 172 6.89 -12.32 -8.80
N TYR A 173 7.81 -12.18 -7.88
CA TYR A 173 9.05 -13.02 -7.86
C TYR A 173 8.67 -14.50 -7.78
N LEU A 174 7.66 -14.85 -6.97
CA LEU A 174 7.29 -16.26 -6.76
C LEU A 174 6.49 -16.83 -7.97
N LEU A 175 5.66 -15.98 -8.53
CA LEU A 175 4.92 -16.25 -9.79
C LEU A 175 5.93 -16.54 -10.88
N ASP A 176 6.97 -15.71 -10.95
CA ASP A 176 8.03 -15.90 -11.92
C ASP A 176 8.78 -17.22 -11.64
N ALA A 177 9.08 -17.50 -10.36
CA ALA A 177 9.73 -18.73 -9.94
C ALA A 177 8.96 -19.99 -10.46
N LEU A 178 7.64 -20.01 -10.29
CA LEU A 178 6.83 -21.17 -10.70
C LEU A 178 6.75 -21.25 -12.23
N GLN A 179 6.66 -20.10 -12.85
CA GLN A 179 6.63 -20.00 -14.30
C GLN A 179 7.97 -20.51 -14.90
N ASN A 180 9.08 -20.11 -14.28
CA ASN A 180 10.40 -20.64 -14.75
C ASN A 180 10.56 -22.15 -14.56
N ALA A 181 10.06 -22.66 -13.44
CA ALA A 181 10.11 -24.10 -13.21
C ALA A 181 9.26 -24.84 -14.27
N ALA A 182 8.15 -24.24 -14.68
CA ALA A 182 7.33 -24.85 -15.74
C ALA A 182 8.05 -24.89 -17.09
N ILE A 183 8.70 -23.79 -17.43
CA ILE A 183 9.58 -23.74 -18.60
C ILE A 183 10.61 -24.87 -18.55
N ARG A 184 11.30 -25.05 -17.40
CA ARG A 184 12.24 -26.15 -17.20
C ARG A 184 11.59 -27.53 -17.43
N GLN A 185 10.26 -27.61 -17.24
CA GLN A 185 9.54 -28.88 -17.39
C GLN A 185 9.00 -29.07 -18.80
N GLY A 186 9.23 -28.10 -19.66
CA GLY A 186 8.97 -28.26 -21.07
C GLY A 186 7.80 -27.48 -21.59
N PHE A 187 7.23 -26.61 -20.75
CA PHE A 187 6.09 -25.74 -21.16
C PHE A 187 6.62 -24.51 -21.85
N ASP A 188 5.94 -24.10 -22.90
CA ASP A 188 6.29 -22.85 -23.58
C ASP A 188 5.93 -21.65 -22.68
N MSE A 189 6.39 -20.47 -23.05
CA MSE A 189 6.19 -19.32 -22.21
C MSE A 189 4.70 -19.05 -21.91
O MSE A 189 4.36 -18.68 -20.80
CB MSE A 189 6.89 -18.07 -22.76
CG MSE A 189 6.65 -16.79 -21.89
SE MSE A 189 7.01 -16.96 -19.92
CE MSE A 189 9.05 -16.80 -20.04
N ALA A 190 3.82 -19.25 -22.89
CA ALA A 190 2.41 -18.89 -22.71
C ALA A 190 1.78 -19.84 -21.73
N GLU A 191 2.05 -21.13 -21.90
CA GLU A 191 1.58 -22.15 -20.98
C GLU A 191 2.12 -21.98 -19.56
N ALA A 192 3.44 -21.71 -19.46
CA ALA A 192 4.09 -21.55 -18.16
C ALA A 192 3.44 -20.40 -17.41
N ARG A 193 3.25 -19.27 -18.08
CA ARG A 193 2.62 -18.12 -17.42
C ARG A 193 1.20 -18.45 -16.95
N ALA A 194 0.42 -19.05 -17.84
CA ALA A 194 -0.98 -19.42 -17.53
C ALA A 194 -1.05 -20.42 -16.38
N LEU A 195 -0.22 -21.45 -16.43
CA LEU A 195 -0.16 -22.44 -15.35
C LEU A 195 0.19 -21.77 -14.01
N SER A 196 1.19 -20.89 -14.01
CA SER A 196 1.68 -20.32 -12.75
C SER A 196 0.56 -19.40 -12.20
N LEU A 197 0.04 -18.53 -13.04
CA LEU A 197 -1.06 -17.65 -12.66
C LEU A 197 -2.27 -18.37 -12.10
N ALA A 198 -2.77 -19.37 -12.82
CA ALA A 198 -4.00 -20.06 -12.40
C ALA A 198 -3.81 -20.85 -11.14
N THR A 199 -2.62 -21.40 -10.98
CA THR A 199 -2.22 -22.11 -9.75
C THR A 199 -2.24 -21.18 -8.52
N PHE A 200 -1.57 -20.06 -8.64
CA PHE A 200 -1.61 -19.07 -7.58
C PHE A 200 -3.03 -18.56 -7.32
N LYS A 201 -3.78 -18.23 -8.40
CA LYS A 201 -5.07 -17.61 -8.19
C LYS A 201 -6.00 -18.59 -7.52
N GLY A 202 -5.93 -19.86 -7.95
CA GLY A 202 -6.88 -20.87 -7.45
C GLY A 202 -6.55 -21.22 -6.01
N ALA A 203 -5.26 -21.33 -5.70
CA ALA A 203 -4.87 -21.71 -4.33
C ALA A 203 -5.21 -20.60 -3.36
N VAL A 204 -4.92 -19.38 -3.77
CA VAL A 204 -5.28 -18.21 -2.97
C VAL A 204 -6.80 -18.17 -2.76
N ALA A 205 -7.59 -18.37 -3.81
CA ALA A 205 -9.05 -18.43 -3.67
C ALA A 205 -9.54 -19.52 -2.69
N LEU A 206 -8.93 -20.71 -2.71
CA LEU A 206 -9.27 -21.77 -1.77
C LEU A 206 -8.98 -21.36 -0.34
N ALA A 207 -7.83 -20.72 -0.14
CA ALA A 207 -7.42 -20.28 1.21
C ALA A 207 -8.42 -19.22 1.72
N GLU A 208 -8.81 -18.30 0.83
CA GLU A 208 -9.78 -17.26 1.15
C GLU A 208 -11.15 -17.86 1.50
N GLN A 209 -11.62 -18.74 0.63
CA GLN A 209 -12.97 -19.26 0.80
C GLN A 209 -13.05 -20.19 1.98
N THR A 210 -12.02 -20.98 2.22
CA THR A 210 -12.05 -21.90 3.34
C THR A 210 -11.79 -21.17 4.65
N GLY A 211 -10.98 -20.12 4.60
CA GLY A 211 -10.43 -19.51 5.81
C GLY A 211 -9.54 -20.41 6.67
N GLU A 212 -9.19 -21.61 6.17
CA GLU A 212 -8.37 -22.57 6.93
C GLU A 212 -6.91 -22.10 7.10
N ASP A 213 -6.23 -22.58 8.13
CA ASP A 213 -4.83 -22.22 8.39
C ASP A 213 -3.99 -22.62 7.19
N PHE A 214 -3.11 -21.74 6.71
CA PHE A 214 -2.31 -22.07 5.54
C PHE A 214 -1.53 -23.39 5.65
N GLU A 215 -0.84 -23.60 6.77
CA GLU A 215 -0.08 -24.80 6.98
C GLU A 215 -0.99 -26.03 6.95
N LYS A 216 -2.18 -25.91 7.52
CA LYS A 216 -3.16 -27.00 7.47
C LYS A 216 -3.60 -27.32 6.05
N LEU A 217 -3.84 -26.29 5.24
CA LEU A 217 -4.20 -26.47 3.83
C LEU A 217 -3.11 -27.22 3.08
N GLN A 218 -1.88 -26.84 3.36
CA GLN A 218 -0.72 -27.45 2.75
C GLN A 218 -0.60 -28.91 3.20
N LYS A 219 -0.63 -29.12 4.52
CA LYS A 219 -0.52 -30.46 5.05
C LYS A 219 -1.65 -31.37 4.56
N ASN A 220 -2.85 -30.84 4.46
CA ASN A 220 -3.99 -31.61 3.97
C ASN A 220 -3.86 -32.22 2.58
N VAL A 221 -3.04 -31.62 1.72
CA VAL A 221 -2.84 -32.11 0.34
C VAL A 221 -1.43 -32.62 0.06
N THR A 222 -0.71 -32.98 1.12
CA THR A 222 0.65 -33.51 1.07
C THR A 222 0.73 -34.90 1.71
N SER A 223 0.53 -35.96 0.92
CA SER A 223 0.64 -37.33 1.47
C SER A 223 2.07 -37.82 1.56
N LYS A 224 2.37 -38.60 2.62
CA LYS A 224 3.72 -39.13 2.84
C LYS A 224 4.14 -39.98 1.64
N GLY A 225 5.38 -39.80 1.17
CA GLY A 225 5.88 -40.54 0.00
C GLY A 225 5.18 -40.18 -1.32
N GLY A 226 4.45 -39.06 -1.33
CA GLY A 226 3.71 -38.60 -2.50
C GLY A 226 4.56 -37.63 -3.27
N THR A 227 4.06 -37.09 -4.38
CA THR A 227 4.85 -36.19 -5.20
C THR A 227 5.04 -34.81 -4.54
N THR A 228 3.95 -34.28 -3.97
CA THR A 228 3.92 -32.98 -3.28
C THR A 228 4.90 -32.96 -2.10
N HIS A 229 4.91 -34.03 -1.32
CA HIS A 229 5.87 -34.18 -0.24
C HIS A 229 7.31 -33.99 -0.74
N GLU A 230 7.66 -34.56 -1.89
CA GLU A 230 9.03 -34.39 -2.40
C GLU A 230 9.41 -32.94 -2.68
N ALA A 231 8.48 -32.17 -3.20
CA ALA A 231 8.70 -30.79 -3.52
C ALA A 231 8.79 -29.98 -2.23
N VAL A 232 7.88 -30.25 -1.29
CA VAL A 232 7.87 -29.44 -0.04
C VAL A 232 9.13 -29.75 0.81
N GLU A 233 9.58 -31.01 0.82
CA GLU A 233 10.86 -31.36 1.45
C GLU A 233 12.07 -30.57 0.89
N ALA A 234 12.13 -30.45 -0.44
CA ALA A 234 13.12 -29.61 -1.13
C ALA A 234 13.04 -28.13 -0.66
N PHE A 235 11.83 -27.55 -0.69
CA PHE A 235 11.60 -26.20 -0.13
C PHE A 235 12.17 -26.10 1.29
N ARG A 236 11.85 -27.09 2.13
CA ARG A 236 12.30 -27.05 3.51
C ARG A 236 13.81 -27.17 3.62
N ARG A 237 14.39 -28.09 2.86
CA ARG A 237 15.84 -28.32 2.83
C ARG A 237 16.55 -27.02 2.44
N HIS A 238 16.01 -26.31 1.46
CA HIS A 238 16.58 -25.02 1.05
C HIS A 238 16.13 -23.82 1.87
N ARG A 239 15.38 -24.08 2.94
CA ARG A 239 14.91 -23.06 3.88
C ARG A 239 14.23 -21.89 3.14
N VAL A 240 13.31 -22.21 2.21
CA VAL A 240 12.60 -21.21 1.41
C VAL A 240 11.78 -20.27 2.36
N ALA A 241 10.94 -20.85 3.21
CA ALA A 241 10.13 -20.01 4.10
C ALA A 241 11.03 -19.09 4.93
N GLU A 242 12.18 -19.59 5.36
CA GLU A 242 13.07 -18.82 6.22
C GLU A 242 13.71 -17.68 5.46
N ALA A 243 14.11 -17.96 4.22
CA ALA A 243 14.70 -16.96 3.32
C ALA A 243 13.72 -15.80 3.09
N ILE A 244 12.44 -16.15 3.00
CA ILE A 244 11.37 -15.17 2.84
C ILE A 244 11.36 -14.22 4.03
N SER A 245 11.36 -14.76 5.24
CA SER A 245 11.42 -13.95 6.45
C SER A 245 12.71 -13.12 6.48
N GLU A 246 13.82 -13.73 6.06
CA GLU A 246 15.08 -12.97 6.03
C GLU A 246 14.98 -11.75 5.11
N GLY A 247 14.39 -11.94 3.91
CA GLY A 247 14.12 -10.84 2.93
C GLY A 247 13.21 -9.76 3.54
N VAL A 248 12.15 -10.21 4.19
CA VAL A 248 11.32 -9.29 4.97
C VAL A 248 12.08 -8.47 6.02
N CYS A 249 12.86 -9.13 6.89
CA CYS A 249 13.77 -8.41 7.82
C CYS A 249 14.68 -7.40 7.13
N ALA A 250 15.25 -7.79 5.98
CA ALA A 250 16.16 -6.92 5.25
C ALA A 250 15.39 -5.67 4.74
N CYS A 251 14.19 -5.91 4.27
CA CYS A 251 13.28 -4.84 3.83
C CYS A 251 12.94 -3.88 4.99
N VAL A 252 12.57 -4.46 6.13
CA VAL A 252 12.19 -3.67 7.30
C VAL A 252 13.38 -2.83 7.80
N ARG A 253 14.57 -3.43 7.79
CA ARG A 253 15.80 -2.75 8.26
C ARG A 253 16.07 -1.54 7.41
N ARG A 254 15.95 -1.72 6.12
CA ARG A 254 16.12 -0.65 5.16
C ARG A 254 15.05 0.45 5.29
N SER A 255 13.78 0.08 5.43
CA SER A 255 12.71 1.08 5.70
C SER A 255 13.09 1.95 6.90
N GLN A 256 13.51 1.29 7.96
CA GLN A 256 13.97 1.96 9.17
C GLN A 256 15.13 2.91 8.92
N GLU A 257 16.14 2.46 8.15
CA GLU A 257 17.29 3.31 7.83
C GLU A 257 16.86 4.56 7.04
N MSE A 258 16.10 4.33 5.97
CA MSE A 258 15.54 5.38 5.14
C MSE A 258 14.75 6.43 5.92
O MSE A 258 14.90 7.64 5.67
CB MSE A 258 14.67 4.75 4.02
CG MSE A 258 15.52 4.18 2.92
SE MSE A 258 14.45 3.25 1.62
CE MSE A 258 14.05 4.78 0.33
N GLU A 259 13.96 5.99 6.90
CA GLU A 259 13.22 6.91 7.76
C GLU A 259 14.17 7.77 8.61
N ARG A 260 15.31 7.22 8.98
CA ARG A 260 16.29 8.01 9.74
C ARG A 260 16.84 9.21 8.96
N GLN A 261 16.88 9.13 7.62
CA GLN A 261 17.29 10.30 6.80
C GLN A 261 16.48 11.59 7.06
N TYR A 262 15.20 11.47 7.42
CA TYR A 262 14.33 12.64 7.64
C TYR A 262 14.11 12.98 9.12
N GLN A 263 14.31 12.01 10.00
CA GLN A 263 14.13 12.16 11.45
C GLN A 263 15.46 12.34 12.16
S SO4 B . 4.63 16.46 -11.77
O1 SO4 B . 5.11 15.58 -10.70
O2 SO4 B . 5.75 16.85 -12.62
O3 SO4 B . 3.66 15.73 -12.57
O4 SO4 B . 4.01 17.66 -11.20
#